data_6Y12
#
_entry.id   6Y12
#
_cell.length_a   82.369
_cell.length_b   67.125
_cell.length_c   63.984
_cell.angle_alpha   90.000
_cell.angle_beta   110.150
_cell.angle_gamma   90.000
#
_symmetry.space_group_name_H-M   'C 1 2 1'
#
loop_
_entity.id
_entity.type
_entity.pdbx_description
1 polymer 'Alpha-ketoglutarate-dependent L-arginine hydroxylase'
2 non-polymer 'SUCCINIC ACID'
3 non-polymer 'FE (III) ION'
4 non-polymer (2S,3S)-3-HYDROXYARGININE
5 water water
#
_entity_poly.entity_id   1
_entity_poly.type   'polypeptide(L)'
_entity_poly.pdbx_seq_one_letter_code
;MTESPTTHHGAAPPDSVATPVRPWSEFRLTPAEAAAAAALAARCAQRYDETDGPEFLLDAPVIAHELPRRLRTFMARARL
DAWPHALVVRGNPVDDAALGSTPVHWRTARTPGSRPLSFLLMLYAGLLGDVFGWATQQDGRVVTDVLPIKGGEHTLVSSS
SRQELGWHTEDAFSPYRADYVGLLSLRNPDGVATTLAGVPLDDLDERTLDVLFQERFLIRPDDSHLQVNNSTAQQGRVEF
EGIAQAADRPEPVAILTGHRAAPHLRVDGDFSAPAEGDEEAAAALGTLRKLIDASLYELVLDQGDVAFIDNRRAVHGRRA
FQPRYDGRDRWLKRINITRDLHRSRKAWAGDSRVLGQR
;
_entity_poly.pdbx_strand_id   A
#
# COMPACT_ATOMS: atom_id res chain seq x y z
N VAL A 21 -0.74 16.57 16.17
CA VAL A 21 -0.69 15.74 17.37
C VAL A 21 -0.14 14.36 17.03
N ARG A 22 -0.46 13.87 15.84
CA ARG A 22 0.03 12.60 15.32
C ARG A 22 0.65 12.81 13.96
N PRO A 23 1.46 11.85 13.48
CA PRO A 23 2.16 12.03 12.20
C PRO A 23 1.30 11.73 10.98
N TRP A 24 0.02 11.45 11.15
CA TRP A 24 -0.89 11.29 10.02
C TRP A 24 -2.06 12.26 10.18
N SER A 25 -2.76 12.48 9.06
CA SER A 25 -3.96 13.30 9.04
C SER A 25 -5.18 12.40 9.10
N GLU A 26 -6.12 12.71 10.00
CA GLU A 26 -7.24 11.85 10.29
C GLU A 26 -8.58 12.57 10.09
N PHE A 27 -9.54 11.85 9.51
CA PHE A 27 -10.89 12.33 9.25
C PHE A 27 -11.84 11.26 9.77
N ARG A 28 -12.89 11.68 10.47
CA ARG A 28 -13.89 10.75 11.00
C ARG A 28 -15.25 11.08 10.40
N LEU A 29 -15.80 10.13 9.63
CA LEU A 29 -17.12 10.32 9.05
C LEU A 29 -18.18 10.39 10.14
N THR A 30 -19.17 11.25 9.94
CA THR A 30 -20.38 11.17 10.74
C THR A 30 -21.19 9.98 10.26
N PRO A 31 -22.10 9.48 11.11
CA PRO A 31 -22.98 8.39 10.66
C PRO A 31 -23.70 8.70 9.36
N ALA A 32 -24.18 9.94 9.21
CA ALA A 32 -24.89 10.32 7.99
C ALA A 32 -23.96 10.27 6.78
N GLU A 33 -22.76 10.85 6.91
CA GLU A 33 -21.79 10.80 5.82
C GLU A 33 -21.42 9.36 5.48
N ALA A 34 -21.18 8.53 6.48
CA ALA A 34 -20.80 7.14 6.24
C ALA A 34 -21.89 6.38 5.50
N ALA A 35 -23.15 6.59 5.88
CA ALA A 35 -24.24 5.91 5.19
C ALA A 35 -24.36 6.37 3.75
N ALA A 36 -24.08 7.64 3.48
CA ALA A 36 -24.19 8.15 2.11
C ALA A 36 -23.12 7.52 1.22
N ALA A 37 -21.88 7.45 1.72
CA ALA A 37 -20.82 6.81 0.96
C ALA A 37 -21.12 5.33 0.74
N ALA A 38 -21.63 4.65 1.76
CA ALA A 38 -21.99 3.24 1.64
C ALA A 38 -23.08 3.04 0.60
N ALA A 39 -24.12 3.89 0.63
CA ALA A 39 -25.18 3.80 -0.36
C ALA A 39 -24.64 4.02 -1.77
N LEU A 40 -23.69 4.93 -1.93
CA LEU A 40 -23.11 5.18 -3.25
C LEU A 40 -22.37 3.95 -3.76
N ALA A 41 -21.56 3.33 -2.90
CA ALA A 41 -20.83 2.12 -3.29
C ALA A 41 -21.79 0.97 -3.60
N ALA A 42 -22.85 0.82 -2.81
CA ALA A 42 -23.84 -0.21 -3.10
C ALA A 42 -24.48 -0.01 -4.47
N ARG A 43 -24.78 1.25 -4.82
CA ARG A 43 -25.34 1.54 -6.14
C ARG A 43 -24.38 1.14 -7.24
N CYS A 44 -23.09 1.45 -7.08
CA CYS A 44 -22.09 1.04 -8.07
C CYS A 44 -21.99 -0.47 -8.18
N ALA A 45 -22.04 -1.18 -7.05
CA ALA A 45 -21.96 -2.64 -7.08
C ALA A 45 -23.15 -3.27 -7.79
N GLN A 46 -24.27 -2.56 -7.90
CA GLN A 46 -25.42 -3.08 -8.65
C GLN A 46 -25.33 -2.78 -10.14
N ARG A 47 -24.61 -1.73 -10.54
CA ARG A 47 -24.59 -1.29 -11.93
C ARG A 47 -23.38 -1.77 -12.70
N TYR A 48 -22.29 -2.11 -12.03
CA TYR A 48 -21.05 -2.53 -12.69
C TYR A 48 -20.76 -3.99 -12.36
N ASP A 49 -20.15 -4.68 -13.31
CA ASP A 49 -19.93 -6.12 -13.17
C ASP A 49 -18.81 -6.42 -12.17
N GLU A 50 -17.68 -5.71 -12.25
N GLU A 50 -17.70 -5.68 -12.22
CA GLU A 50 -16.62 -5.93 -11.28
CA GLU A 50 -16.60 -5.92 -11.30
C GLU A 50 -15.89 -4.61 -11.02
C GLU A 50 -15.86 -4.62 -11.04
N THR A 51 -15.18 -4.58 -9.89
CA THR A 51 -14.55 -3.35 -9.43
C THR A 51 -13.46 -2.88 -10.37
N ASP A 52 -12.72 -3.84 -10.95
N ASP A 52 -12.67 -3.81 -10.91
N ASP A 52 -12.66 -3.80 -10.93
CA ASP A 52 -11.55 -3.57 -11.77
CA ASP A 52 -11.56 -3.47 -11.80
CA ASP A 52 -11.57 -3.40 -11.81
C ASP A 52 -11.85 -3.62 -13.26
C ASP A 52 -11.85 -3.84 -13.24
C ASP A 52 -11.85 -3.84 -13.24
N GLY A 53 -13.11 -3.75 -13.65
CA GLY A 53 -13.45 -3.84 -15.05
C GLY A 53 -13.17 -2.50 -15.69
N PRO A 54 -12.97 -2.47 -17.01
CA PRO A 54 -12.59 -1.20 -17.66
C PRO A 54 -13.63 -0.12 -17.49
N GLU A 55 -14.91 -0.49 -17.44
CA GLU A 55 -15.97 0.51 -17.35
C GLU A 55 -15.92 1.23 -16.01
N PHE A 56 -15.78 0.48 -14.91
CA PHE A 56 -15.79 1.15 -13.61
C PHE A 56 -14.46 1.86 -13.34
N LEU A 57 -13.35 1.35 -13.87
CA LEU A 57 -12.08 2.03 -13.72
C LEU A 57 -12.16 3.45 -14.28
N LEU A 58 -12.84 3.61 -15.41
CA LEU A 58 -12.96 4.93 -16.02
C LEU A 58 -14.00 5.80 -15.33
N ASP A 59 -15.08 5.20 -14.83
CA ASP A 59 -16.17 5.98 -14.25
C ASP A 59 -15.97 6.32 -12.78
N ALA A 60 -15.22 5.51 -12.04
CA ALA A 60 -15.09 5.71 -10.60
C ALA A 60 -14.60 7.11 -10.21
N PRO A 61 -13.62 7.70 -10.88
CA PRO A 61 -13.18 9.05 -10.45
C PRO A 61 -14.24 10.12 -10.57
N VAL A 62 -15.21 9.97 -11.47
CA VAL A 62 -16.30 10.92 -11.62
C VAL A 62 -17.45 10.61 -10.66
N ILE A 63 -17.77 9.33 -10.46
CA ILE A 63 -18.76 8.97 -9.46
C ILE A 63 -18.34 9.47 -8.08
N ALA A 64 -17.04 9.44 -7.81
CA ALA A 64 -16.52 9.86 -6.50
C ALA A 64 -16.82 11.32 -6.21
N HIS A 65 -17.09 12.14 -7.24
CA HIS A 65 -17.50 13.53 -7.02
C HIS A 65 -18.83 13.62 -6.27
N GLU A 66 -19.55 12.52 -6.13
CA GLU A 66 -20.82 12.49 -5.41
C GLU A 66 -20.67 12.07 -3.96
N LEU A 67 -19.46 11.77 -3.49
CA LEU A 67 -19.23 11.47 -2.09
C LEU A 67 -19.50 12.72 -1.24
N PRO A 68 -19.69 12.55 0.07
CA PRO A 68 -19.99 13.71 0.93
C PRO A 68 -18.94 14.80 0.81
N ARG A 69 -19.41 16.06 0.80
CA ARG A 69 -18.53 17.18 0.46
C ARG A 69 -17.43 17.37 1.50
N ARG A 70 -17.72 17.13 2.78
CA ARG A 70 -16.70 17.32 3.81
C ARG A 70 -15.55 16.35 3.61
N LEU A 71 -15.86 15.12 3.18
CA LEU A 71 -14.82 14.15 2.87
C LEU A 71 -14.00 14.57 1.65
N ARG A 72 -14.64 15.04 0.60
CA ARG A 72 -13.91 15.48 -0.59
C ARG A 72 -13.00 16.65 -0.26
N THR A 73 -13.46 17.56 0.59
CA THR A 73 -12.62 18.69 1.02
C THR A 73 -11.38 18.19 1.75
N PHE A 74 -11.56 17.27 2.70
CA PHE A 74 -10.43 16.71 3.44
C PHE A 74 -9.40 16.09 2.50
N MET A 75 -9.86 15.28 1.55
CA MET A 75 -8.93 14.59 0.66
C MET A 75 -8.19 15.58 -0.23
N ALA A 76 -8.89 16.58 -0.75
CA ALA A 76 -8.24 17.57 -1.62
C ALA A 76 -7.18 18.35 -0.85
N ARG A 77 -7.49 18.73 0.38
CA ARG A 77 -6.56 19.55 1.16
C ARG A 77 -5.44 18.70 1.75
N ALA A 78 -5.80 17.55 2.33
CA ALA A 78 -4.79 16.77 3.04
C ALA A 78 -3.72 16.24 2.09
N ARG A 79 -4.08 15.95 0.84
CA ARG A 79 -3.09 15.48 -0.11
C ARG A 79 -2.04 16.55 -0.40
N LEU A 80 -2.39 17.82 -0.25
CA LEU A 80 -1.44 18.89 -0.54
C LEU A 80 -0.63 19.32 0.66
N ASP A 81 -0.95 18.84 1.86
CA ASP A 81 -0.15 19.16 3.04
C ASP A 81 1.25 18.56 2.90
N ALA A 82 2.22 19.23 3.50
CA ALA A 82 3.61 18.82 3.33
C ALA A 82 4.06 17.74 4.31
N TRP A 83 3.28 17.47 5.37
CA TRP A 83 3.81 16.71 6.50
C TRP A 83 3.25 15.29 6.70
N PRO A 84 2.00 14.98 6.41
CA PRO A 84 1.44 13.71 6.91
C PRO A 84 2.03 12.49 6.21
N HIS A 85 2.23 11.44 7.00
CA HIS A 85 2.66 10.15 6.46
C HIS A 85 1.52 9.36 5.85
N ALA A 86 0.30 9.66 6.23
CA ALA A 86 -0.87 8.91 5.77
C ALA A 86 -2.09 9.78 5.94
N LEU A 87 -3.11 9.49 5.12
CA LEU A 87 -4.45 10.04 5.27
C LEU A 87 -5.35 8.93 5.76
N VAL A 88 -6.00 9.14 6.91
CA VAL A 88 -6.77 8.09 7.56
C VAL A 88 -8.22 8.54 7.66
N VAL A 89 -9.12 7.68 7.19
CA VAL A 89 -10.56 7.90 7.22
C VAL A 89 -11.18 6.83 8.10
N ARG A 90 -11.79 7.25 9.20
CA ARG A 90 -12.42 6.34 10.14
C ARG A 90 -13.94 6.42 10.04
N GLY A 91 -14.59 5.31 10.34
CA GLY A 91 -16.02 5.31 10.57
C GLY A 91 -16.89 4.75 9.47
N ASN A 92 -16.36 3.88 8.62
CA ASN A 92 -17.20 3.19 7.63
C ASN A 92 -17.83 1.97 8.29
N PRO A 93 -19.16 1.83 8.28
CA PRO A 93 -19.77 0.66 8.92
C PRO A 93 -19.49 -0.62 8.16
N VAL A 94 -19.17 -1.68 8.91
CA VAL A 94 -19.02 -3.01 8.36
C VAL A 94 -19.78 -3.97 9.27
N ASP A 95 -20.69 -4.74 8.68
CA ASP A 95 -21.49 -5.72 9.41
C ASP A 95 -20.86 -7.09 9.21
N ASP A 96 -20.26 -7.64 10.27
CA ASP A 96 -19.59 -8.94 10.18
C ASP A 96 -20.52 -10.03 9.64
N ALA A 97 -21.81 -9.96 9.96
CA ALA A 97 -22.73 -11.00 9.50
C ALA A 97 -22.93 -10.93 8.00
N ALA A 98 -23.07 -9.72 7.46
CA ALA A 98 -23.21 -9.56 6.01
C ALA A 98 -21.90 -9.84 5.29
N LEU A 99 -20.77 -9.55 5.95
CA LEU A 99 -19.48 -9.71 5.29
C LEU A 99 -19.13 -11.18 5.09
N GLY A 100 -19.46 -12.02 6.08
CA GLY A 100 -19.15 -13.43 6.00
C GLY A 100 -17.74 -13.71 6.48
N SER A 101 -17.36 -14.98 6.35
CA SER A 101 -16.08 -15.43 6.88
C SER A 101 -14.91 -14.88 6.06
N THR A 102 -13.78 -14.73 6.72
CA THR A 102 -12.56 -14.34 6.05
C THR A 102 -12.12 -15.45 5.10
N PRO A 103 -11.82 -15.14 3.83
CA PRO A 103 -11.43 -16.20 2.89
C PRO A 103 -10.12 -16.87 3.28
N VAL A 104 -9.92 -18.09 2.76
CA VAL A 104 -8.72 -18.87 3.05
C VAL A 104 -7.57 -18.49 2.11
N HIS A 105 -7.86 -17.87 0.98
CA HIS A 105 -6.85 -17.47 0.01
C HIS A 105 -7.37 -16.22 -0.69
N TRP A 106 -6.44 -15.45 -1.28
CA TRP A 106 -6.91 -14.25 -1.99
C TRP A 106 -7.65 -14.61 -3.28
N ARG A 107 -7.38 -15.77 -3.86
CA ARG A 107 -8.02 -16.13 -5.12
C ARG A 107 -9.54 -16.18 -5.00
N THR A 108 -10.04 -16.69 -3.88
CA THR A 108 -11.48 -16.78 -3.63
C THR A 108 -11.99 -15.65 -2.73
N ALA A 109 -11.27 -14.52 -2.67
CA ALA A 109 -11.57 -13.48 -1.69
C ALA A 109 -12.52 -12.41 -2.21
N ARG A 110 -13.03 -12.54 -3.44
CA ARG A 110 -14.01 -11.59 -3.97
C ARG A 110 -15.42 -12.12 -3.68
N THR A 111 -15.74 -12.12 -2.39
CA THR A 111 -17.00 -12.63 -1.91
C THR A 111 -18.09 -11.57 -2.02
N PRO A 112 -19.36 -11.97 -2.11
CA PRO A 112 -20.44 -10.97 -2.22
C PRO A 112 -20.50 -10.03 -1.03
N GLY A 113 -20.20 -10.50 0.18
CA GLY A 113 -20.27 -9.64 1.34
C GLY A 113 -19.24 -8.53 1.32
N SER A 114 -18.08 -8.79 0.71
CA SER A 114 -17.04 -7.77 0.65
C SER A 114 -17.17 -6.89 -0.59
N ARG A 115 -18.05 -7.23 -1.52
CA ARG A 115 -18.10 -6.52 -2.79
C ARG A 115 -18.39 -5.03 -2.64
N PRO A 116 -19.40 -4.58 -1.89
CA PRO A 116 -19.62 -3.12 -1.78
C PRO A 116 -18.45 -2.39 -1.17
N LEU A 117 -17.72 -3.03 -0.25
CA LEU A 117 -16.57 -2.38 0.38
C LEU A 117 -15.41 -2.24 -0.60
N SER A 118 -15.26 -3.18 -1.54
CA SER A 118 -14.25 -3.02 -2.57
C SER A 118 -14.58 -1.86 -3.49
N PHE A 119 -15.85 -1.66 -3.81
CA PHE A 119 -16.24 -0.49 -4.59
C PHE A 119 -16.00 0.79 -3.80
N LEU A 120 -16.28 0.76 -2.49
CA LEU A 120 -16.06 1.95 -1.68
C LEU A 120 -14.60 2.37 -1.70
N LEU A 121 -13.69 1.39 -1.59
CA LEU A 121 -12.27 1.69 -1.62
C LEU A 121 -11.88 2.34 -2.93
N MET A 122 -12.42 1.82 -4.04
CA MET A 122 -12.14 2.37 -5.37
CA MET A 122 -12.13 2.37 -5.35
C MET A 122 -12.63 3.81 -5.47
N LEU A 123 -13.79 4.11 -4.90
CA LEU A 123 -14.31 5.48 -4.96
C LEU A 123 -13.42 6.44 -4.18
N TYR A 124 -13.01 6.07 -2.96
CA TYR A 124 -12.09 6.92 -2.20
C TYR A 124 -10.77 7.09 -2.94
N ALA A 125 -10.24 6.00 -3.49
CA ALA A 125 -8.95 6.07 -4.19
C ALA A 125 -9.00 7.03 -5.37
N GLY A 126 -10.15 7.10 -6.05
CA GLY A 126 -10.29 7.96 -7.22
C GLY A 126 -10.20 9.44 -6.92
N LEU A 127 -10.38 9.83 -5.65
CA LEU A 127 -10.14 11.21 -5.25
C LEU A 127 -8.65 11.54 -5.19
N LEU A 128 -7.79 10.53 -5.13
CA LEU A 128 -6.36 10.73 -4.93
C LEU A 128 -5.52 10.50 -6.18
N GLY A 129 -5.95 9.66 -7.10
CA GLY A 129 -5.18 9.47 -8.32
C GLY A 129 -5.68 8.33 -9.17
N ASP A 130 -4.76 7.75 -9.92
CA ASP A 130 -5.04 6.69 -10.88
C ASP A 130 -4.67 5.35 -10.27
N VAL A 131 -5.61 4.41 -10.24
CA VAL A 131 -5.33 3.11 -9.65
C VAL A 131 -4.73 2.19 -10.70
N PHE A 132 -3.92 1.23 -10.25
CA PHE A 132 -3.27 0.28 -11.15
C PHE A 132 -2.94 -0.98 -10.37
N GLY A 133 -2.65 -2.05 -11.11
CA GLY A 133 -2.17 -3.29 -10.53
C GLY A 133 -0.90 -3.76 -11.22
N TRP A 134 -0.44 -4.93 -10.79
CA TRP A 134 0.79 -5.52 -11.30
C TRP A 134 0.48 -6.87 -11.93
N ALA A 135 0.99 -7.08 -13.15
CA ALA A 135 0.79 -8.35 -13.83
C ALA A 135 1.31 -9.51 -13.00
N THR A 136 2.29 -9.26 -12.13
CA THR A 136 2.98 -10.31 -11.41
C THR A 136 2.52 -10.45 -9.97
N GLN A 137 1.39 -9.85 -9.59
CA GLN A 137 0.93 -9.87 -8.21
C GLN A 137 -0.59 -10.10 -8.18
N GLN A 138 -1.00 -11.15 -7.47
CA GLN A 138 -2.40 -11.57 -7.35
C GLN A 138 -3.14 -11.49 -8.68
N ASP A 139 -2.54 -12.07 -9.72
CA ASP A 139 -3.20 -12.26 -11.01
C ASP A 139 -3.55 -10.93 -11.68
N GLY A 140 -2.79 -9.88 -11.39
CA GLY A 140 -3.04 -8.60 -12.04
C GLY A 140 -4.25 -7.85 -11.54
N ARG A 141 -4.82 -8.25 -10.41
CA ARG A 141 -5.96 -7.55 -9.86
C ARG A 141 -5.56 -6.14 -9.41
N VAL A 142 -6.50 -5.22 -9.50
CA VAL A 142 -6.27 -3.88 -9.00
C VAL A 142 -6.61 -3.78 -7.53
N VAL A 143 -7.78 -4.27 -7.13
CA VAL A 143 -8.11 -4.40 -5.72
C VAL A 143 -7.61 -5.76 -5.27
N THR A 144 -6.65 -5.75 -4.35
CA THR A 144 -6.01 -6.96 -3.86
C THR A 144 -6.44 -7.23 -2.43
N ASP A 145 -6.02 -8.39 -1.92
CA ASP A 145 -6.42 -8.85 -0.60
C ASP A 145 -5.20 -9.11 0.29
N VAL A 146 -5.31 -8.68 1.54
CA VAL A 146 -4.31 -8.94 2.56
C VAL A 146 -4.99 -9.78 3.64
N LEU A 147 -4.57 -11.03 3.76
CA LEU A 147 -5.11 -11.92 4.78
C LEU A 147 -4.08 -13.00 5.08
N PRO A 148 -4.16 -13.63 6.25
CA PRO A 148 -3.20 -14.69 6.57
C PRO A 148 -3.55 -15.99 5.85
N ILE A 149 -2.56 -16.56 5.17
CA ILE A 149 -2.72 -17.79 4.43
C ILE A 149 -2.01 -18.90 5.20
N LYS A 150 -2.74 -19.98 5.49
CA LYS A 150 -2.19 -21.09 6.25
C LYS A 150 -0.96 -21.65 5.57
N GLY A 151 0.10 -21.87 6.35
CA GLY A 151 1.37 -22.32 5.83
C GLY A 151 2.33 -21.21 5.43
N GLY A 152 1.85 -19.98 5.33
CA GLY A 152 2.69 -18.86 4.94
C GLY A 152 2.97 -17.91 6.09
N GLU A 153 2.99 -18.45 7.32
CA GLU A 153 3.09 -17.60 8.50
C GLU A 153 4.44 -16.90 8.60
N HIS A 154 5.50 -17.56 8.14
CA HIS A 154 6.86 -17.06 8.30
C HIS A 154 7.47 -16.65 6.96
N THR A 155 6.65 -16.09 6.08
CA THR A 155 7.11 -15.58 4.80
C THR A 155 7.31 -14.07 4.89
N LEU A 156 7.85 -13.50 3.83
CA LEU A 156 8.12 -12.07 3.76
C LEU A 156 7.06 -11.30 3.00
N VAL A 157 5.87 -11.88 2.83
CA VAL A 157 4.79 -11.23 2.09
C VAL A 157 3.64 -10.90 3.03
N SER A 158 2.66 -10.16 2.51
CA SER A 158 1.60 -9.61 3.34
C SER A 158 0.59 -10.65 3.82
N SER A 159 0.68 -11.90 3.37
CA SER A 159 -0.12 -12.99 3.92
C SER A 159 0.59 -13.70 5.07
N SER A 160 1.70 -13.14 5.53
CA SER A 160 2.38 -13.62 6.73
C SER A 160 1.56 -13.26 7.96
N SER A 161 2.01 -13.75 9.11
CA SER A 161 1.34 -13.46 10.37
C SER A 161 2.30 -13.56 11.54
N ARG A 162 2.75 -14.78 11.85
CA ARG A 162 3.58 -15.00 13.02
C ARG A 162 4.91 -14.29 12.90
N GLN A 163 5.39 -14.04 11.68
CA GLN A 163 6.61 -13.28 11.45
C GLN A 163 6.24 -11.84 11.12
N GLU A 164 6.84 -10.89 11.82
CA GLU A 164 6.59 -9.49 11.54
C GLU A 164 6.88 -9.17 10.08
N LEU A 165 6.00 -8.38 9.46
CA LEU A 165 6.25 -7.88 8.12
C LEU A 165 7.14 -6.65 8.24
N GLY A 166 8.41 -6.80 7.85
CA GLY A 166 9.36 -5.71 8.00
C GLY A 166 8.99 -4.50 7.18
N TRP A 167 9.49 -3.34 7.62
CA TRP A 167 9.13 -2.08 7.00
C TRP A 167 9.69 -1.98 5.57
N HIS A 168 8.93 -1.32 4.71
CA HIS A 168 9.29 -1.25 3.31
C HIS A 168 8.55 -0.11 2.63
N THR A 169 9.20 0.47 1.63
CA THR A 169 8.51 1.16 0.55
C THR A 169 7.82 0.12 -0.33
N GLU A 170 6.54 0.33 -0.65
CA GLU A 170 5.84 -0.63 -1.48
C GLU A 170 6.48 -0.68 -2.87
N ASP A 171 6.82 -1.89 -3.32
CA ASP A 171 7.38 -2.11 -4.65
C ASP A 171 8.62 -1.23 -4.88
N ALA A 172 9.48 -1.17 -3.84
CA ALA A 172 10.64 -0.29 -3.87
C ALA A 172 11.51 -0.50 -5.11
N PHE A 173 11.63 -1.75 -5.57
CA PHE A 173 12.49 -2.03 -6.71
C PHE A 173 12.09 -1.27 -7.97
N SER A 174 10.83 -0.85 -8.07
CA SER A 174 10.32 -0.39 -9.35
C SER A 174 10.25 1.13 -9.42
N PRO A 175 10.65 1.75 -10.54
CA PRO A 175 10.41 3.19 -10.70
C PRO A 175 8.95 3.55 -10.86
N TYR A 176 8.08 2.57 -11.08
CA TYR A 176 6.66 2.80 -11.29
C TYR A 176 5.83 2.48 -10.06
N ARG A 177 6.46 2.36 -8.90
CA ARG A 177 5.75 2.11 -7.66
C ARG A 177 4.75 3.23 -7.35
N ALA A 178 3.77 2.87 -6.53
CA ALA A 178 2.68 3.76 -6.17
C ALA A 178 3.16 4.99 -5.44
N ASP A 179 2.41 6.08 -5.61
CA ASP A 179 2.54 7.24 -4.72
C ASP A 179 1.78 7.02 -3.42
N TYR A 180 0.64 6.32 -3.48
CA TYR A 180 -0.17 6.03 -2.31
C TYR A 180 -0.58 4.57 -2.32
N VAL A 181 -0.54 3.96 -1.15
CA VAL A 181 -1.04 2.61 -0.94
C VAL A 181 -2.28 2.74 -0.08
N GLY A 182 -3.42 2.29 -0.59
CA GLY A 182 -4.68 2.36 0.14
C GLY A 182 -4.97 1.03 0.81
N LEU A 183 -5.39 1.10 2.08
CA LEU A 183 -5.75 -0.09 2.86
C LEU A 183 -7.11 0.13 3.50
N LEU A 184 -8.02 -0.82 3.30
CA LEU A 184 -9.33 -0.80 3.95
C LEU A 184 -9.44 -2.02 4.83
N SER A 185 -9.66 -1.80 6.12
CA SER A 185 -9.74 -2.88 7.08
C SER A 185 -11.16 -3.44 7.13
N LEU A 186 -11.33 -4.67 6.63
CA LEU A 186 -12.64 -5.32 6.69
C LEU A 186 -12.91 -5.91 8.06
N ARG A 187 -11.88 -6.45 8.71
CA ARG A 187 -11.96 -6.84 10.10
C ARG A 187 -10.55 -6.95 10.65
N ASN A 188 -10.43 -6.71 11.96
CA ASN A 188 -9.16 -6.70 12.65
C ASN A 188 -9.46 -6.90 14.14
N PRO A 189 -10.01 -8.06 14.50
CA PRO A 189 -10.59 -8.21 15.85
C PRO A 189 -9.58 -8.10 16.97
N ASP A 190 -8.32 -8.45 16.73
CA ASP A 190 -7.28 -8.40 17.75
C ASP A 190 -6.42 -7.14 17.65
N GLY A 191 -6.82 -6.17 16.82
CA GLY A 191 -6.15 -4.87 16.80
C GLY A 191 -4.71 -4.92 16.38
N VAL A 192 -4.38 -5.73 15.36
CA VAL A 192 -3.02 -5.85 14.88
C VAL A 192 -2.62 -4.53 14.23
N ALA A 193 -1.42 -4.06 14.56
CA ALA A 193 -0.98 -2.74 14.16
C ALA A 193 -0.24 -2.77 12.82
N THR A 194 -0.59 -1.86 11.94
CA THR A 194 0.29 -1.44 10.86
C THR A 194 1.40 -0.57 11.43
N THR A 195 2.62 -0.76 10.95
CA THR A 195 3.74 0.07 11.38
C THR A 195 4.10 1.08 10.30
N LEU A 196 4.62 2.23 10.75
CA LEU A 196 4.99 3.33 9.87
C LEU A 196 6.24 3.98 10.40
N ALA A 197 7.01 4.58 9.50
CA ALA A 197 8.10 5.46 9.89
C ALA A 197 8.43 6.39 8.74
N GLY A 198 8.82 7.61 9.10
CA GLY A 198 9.31 8.57 8.14
C GLY A 198 10.83 8.63 8.13
N VAL A 199 11.36 9.59 7.37
CA VAL A 199 12.80 9.78 7.26
C VAL A 199 13.30 10.32 8.59
N PRO A 200 14.28 9.69 9.22
CA PRO A 200 14.72 10.16 10.53
C PRO A 200 15.71 11.32 10.40
N LEU A 201 15.18 12.45 9.92
CA LEU A 201 16.02 13.59 9.57
C LEU A 201 16.71 14.20 10.79
N ASP A 202 16.10 14.07 11.97
CA ASP A 202 16.67 14.66 13.17
C ASP A 202 17.92 13.94 13.64
N ASP A 203 18.24 12.77 13.08
CA ASP A 203 19.37 11.98 13.53
C ASP A 203 20.38 11.67 12.43
N LEU A 204 20.14 12.08 11.19
CA LEU A 204 21.07 11.85 10.10
C LEU A 204 22.04 13.03 9.98
N ASP A 205 23.32 12.75 10.17
CA ASP A 205 24.32 13.78 9.93
C ASP A 205 24.45 14.05 8.43
N GLU A 206 25.00 15.23 8.11
N GLU A 206 25.02 15.20 8.08
CA GLU A 206 25.05 15.71 6.73
CA GLU A 206 24.96 15.64 6.69
C GLU A 206 25.75 14.71 5.82
C GLU A 206 25.80 14.75 5.77
N ARG A 207 26.88 14.17 6.27
CA ARG A 207 27.67 13.26 5.44
C ARG A 207 26.88 11.99 5.13
N THR A 208 26.26 11.39 6.15
CA THR A 208 25.43 10.22 5.91
C THR A 208 24.29 10.55 4.97
N LEU A 209 23.66 11.72 5.15
CA LEU A 209 22.60 12.13 4.26
C LEU A 209 23.09 12.21 2.81
N ASP A 210 24.26 12.84 2.60
CA ASP A 210 24.83 12.94 1.26
CA ASP A 210 24.83 12.94 1.26
C ASP A 210 24.95 11.57 0.59
N VAL A 211 25.39 10.56 1.34
CA VAL A 211 25.60 9.24 0.77
C VAL A 211 24.27 8.61 0.37
N LEU A 212 23.24 8.78 1.20
CA LEU A 212 21.93 8.20 0.89
C LEU A 212 21.29 8.82 -0.35
N PHE A 213 21.70 10.03 -0.72
CA PHE A 213 21.22 10.71 -1.91
C PHE A 213 21.95 10.27 -3.18
N GLN A 214 22.98 9.43 -3.07
CA GLN A 214 23.75 8.99 -4.23
C GLN A 214 23.32 7.58 -4.64
N GLU A 215 23.56 7.27 -5.92
CA GLU A 215 23.10 6.03 -6.54
C GLU A 215 24.08 4.91 -6.19
N ARG A 216 23.96 4.40 -4.97
CA ARG A 216 24.94 3.45 -4.45
C ARG A 216 24.27 2.28 -3.73
N PHE A 217 23.01 1.98 -4.04
CA PHE A 217 22.22 1.00 -3.32
C PHE A 217 21.48 0.11 -4.30
N LEU A 218 21.33 -1.16 -3.94
CA LEU A 218 20.62 -2.14 -4.76
C LEU A 218 19.30 -2.48 -4.07
N ILE A 219 18.22 -2.51 -4.84
CA ILE A 219 16.87 -2.77 -4.34
C ILE A 219 16.26 -3.83 -5.24
N ARG A 220 16.01 -5.01 -4.69
CA ARG A 220 15.48 -6.11 -5.47
C ARG A 220 13.98 -6.24 -5.28
N PRO A 221 13.26 -6.86 -6.22
CA PRO A 221 11.82 -7.04 -6.04
C PRO A 221 11.54 -8.03 -4.92
N ASP A 222 10.46 -7.75 -4.18
CA ASP A 222 10.06 -8.59 -3.06
C ASP A 222 9.38 -9.86 -3.55
N ASP A 223 9.13 -10.79 -2.61
CA ASP A 223 8.70 -12.14 -2.96
C ASP A 223 7.29 -12.19 -3.52
N SER A 224 6.47 -11.16 -3.33
CA SER A 224 5.10 -11.22 -3.82
C SER A 224 5.00 -11.13 -5.33
N HIS A 225 6.09 -10.75 -6.00
CA HIS A 225 6.15 -10.75 -7.46
C HIS A 225 6.69 -12.06 -8.03
N LEU A 226 6.88 -13.07 -7.20
CA LEU A 226 7.41 -14.35 -7.65
C LEU A 226 6.29 -15.20 -8.25
N GLN A 227 6.68 -16.07 -9.19
CA GLN A 227 5.70 -16.95 -9.82
C GLN A 227 4.98 -17.80 -8.77
N VAL A 228 5.70 -18.26 -7.74
CA VAL A 228 5.13 -19.16 -6.76
C VAL A 228 3.99 -18.52 -5.97
N ASN A 229 3.99 -17.18 -5.87
CA ASN A 229 2.92 -16.47 -5.18
C ASN A 229 1.83 -16.00 -6.13
N ASN A 230 1.68 -16.66 -7.28
CA ASN A 230 0.61 -16.38 -8.22
C ASN A 230 0.01 -17.70 -8.68
N SER A 231 -1.19 -17.62 -9.26
CA SER A 231 -1.86 -18.81 -9.78
C SER A 231 -1.08 -19.41 -10.94
N VAL A 238 4.63 -13.16 -19.31
CA VAL A 238 6.00 -12.86 -19.69
C VAL A 238 6.59 -11.74 -18.84
N GLU A 239 5.73 -11.03 -18.10
CA GLU A 239 6.20 -9.95 -17.24
C GLU A 239 7.07 -10.46 -16.10
N PHE A 240 7.01 -11.76 -15.79
CA PHE A 240 7.89 -12.31 -14.77
C PHE A 240 9.35 -12.25 -15.16
N GLU A 241 9.65 -12.19 -16.47
CA GLU A 241 11.03 -12.06 -16.91
C GLU A 241 11.63 -10.73 -16.47
N GLY A 242 10.82 -9.67 -16.39
CA GLY A 242 11.32 -8.40 -15.89
C GLY A 242 11.67 -8.47 -14.41
N ILE A 243 10.89 -9.24 -13.64
CA ILE A 243 11.19 -9.41 -12.22
C ILE A 243 12.50 -10.17 -12.05
N ALA A 244 12.71 -11.22 -12.85
CA ALA A 244 13.96 -11.98 -12.77
C ALA A 244 15.17 -11.09 -13.06
N GLN A 245 15.09 -10.27 -14.10
CA GLN A 245 16.19 -9.35 -14.41
C GLN A 245 16.42 -8.36 -13.28
N ALA A 246 15.34 -7.90 -12.64
CA ALA A 246 15.48 -6.95 -11.54
C ALA A 246 16.10 -7.59 -10.31
N ALA A 247 15.78 -8.86 -10.04
CA ALA A 247 16.39 -9.58 -8.93
C ALA A 247 17.81 -10.03 -9.24
N ASP A 248 18.09 -10.34 -10.51
CA ASP A 248 19.39 -10.90 -10.87
C ASP A 248 20.45 -9.82 -11.07
N ARG A 249 20.11 -8.74 -11.76
CA ARG A 249 21.05 -7.67 -12.07
C ARG A 249 20.40 -6.32 -11.77
N PRO A 250 20.28 -5.97 -10.50
CA PRO A 250 19.70 -4.67 -10.15
C PRO A 250 20.66 -3.53 -10.47
N GLU A 251 20.11 -2.40 -10.90
CA GLU A 251 20.94 -1.24 -11.17
C GLU A 251 21.00 -0.35 -9.92
N PRO A 252 22.12 0.31 -9.63
CA PRO A 252 22.21 1.10 -8.40
C PRO A 252 21.25 2.28 -8.40
N VAL A 253 20.64 2.53 -7.25
CA VAL A 253 19.68 3.62 -7.09
C VAL A 253 19.98 4.35 -5.78
N ALA A 254 19.44 5.55 -5.66
CA ALA A 254 19.52 6.32 -4.43
C ALA A 254 18.38 5.92 -3.50
N ILE A 255 18.65 6.03 -2.19
CA ILE A 255 17.59 5.81 -1.20
C ILE A 255 16.77 7.07 -0.99
N LEU A 256 17.43 8.24 -0.98
CA LEU A 256 16.74 9.51 -0.78
C LEU A 256 16.80 10.34 -2.06
N THR A 257 15.70 11.04 -2.34
CA THR A 257 15.61 11.94 -3.48
C THR A 257 14.90 13.21 -3.07
N GLY A 258 15.01 14.23 -3.90
CA GLY A 258 14.25 15.45 -3.71
C GLY A 258 14.92 16.47 -2.81
N HIS A 259 14.12 17.12 -1.97
CA HIS A 259 14.60 18.18 -1.10
C HIS A 259 15.34 17.61 0.11
N ARG A 260 16.52 18.17 0.41
CA ARG A 260 17.32 17.67 1.52
C ARG A 260 16.58 17.80 2.85
N ALA A 261 15.71 18.81 2.99
CA ALA A 261 14.98 19.07 4.22
C ALA A 261 13.66 18.31 4.32
N ALA A 262 13.22 17.65 3.24
CA ALA A 262 12.03 16.82 3.28
C ALA A 262 12.13 15.76 2.18
N PRO A 263 13.08 14.86 2.28
CA PRO A 263 13.36 13.93 1.17
C PRO A 263 12.26 12.89 1.01
N HIS A 264 12.17 12.38 -0.21
CA HIS A 264 11.39 11.18 -0.49
C HIS A 264 12.26 9.95 -0.31
N LEU A 265 11.62 8.84 0.05
CA LEU A 265 12.29 7.67 0.59
C LEU A 265 11.99 6.47 -0.29
N ARG A 266 13.02 5.66 -0.56
CA ARG A 266 12.88 4.44 -1.36
C ARG A 266 13.80 3.39 -0.74
N VAL A 267 13.22 2.47 0.03
CA VAL A 267 14.03 1.47 0.72
C VAL A 267 13.15 0.30 1.11
N ASP A 268 13.76 -0.86 1.22
CA ASP A 268 13.07 -2.05 1.69
C ASP A 268 14.01 -2.74 2.67
N GLY A 269 13.58 -2.83 3.92
CA GLY A 269 14.46 -3.35 4.96
C GLY A 269 14.99 -4.73 4.66
N ASP A 270 14.18 -5.57 4.01
CA ASP A 270 14.52 -6.96 3.76
C ASP A 270 15.13 -7.22 2.38
N PHE A 271 15.06 -6.26 1.47
CA PHE A 271 15.50 -6.48 0.09
C PHE A 271 16.45 -5.40 -0.41
N SER A 272 17.02 -4.60 0.50
CA SER A 272 17.96 -3.54 0.15
C SER A 272 19.37 -3.92 0.59
N ALA A 273 20.35 -3.48 -0.20
CA ALA A 273 21.75 -3.78 0.05
C ALA A 273 22.58 -2.65 -0.53
N PRO A 274 23.82 -2.47 -0.06
CA PRO A 274 24.72 -1.52 -0.70
C PRO A 274 25.29 -2.11 -1.98
N ALA A 275 25.74 -1.22 -2.86
CA ALA A 275 26.49 -1.67 -4.02
C ALA A 275 27.71 -2.47 -3.57
N GLU A 276 28.10 -3.45 -4.39
CA GLU A 276 29.12 -4.41 -3.99
C GLU A 276 30.43 -3.70 -3.63
N GLY A 277 30.94 -4.00 -2.44
CA GLY A 277 32.21 -3.46 -2.00
C GLY A 277 32.17 -2.02 -1.52
N ASP A 278 31.00 -1.38 -1.53
CA ASP A 278 30.87 0.03 -1.17
C ASP A 278 30.59 0.13 0.32
N GLU A 279 31.67 0.24 1.11
CA GLU A 279 31.51 0.23 2.57
C GLU A 279 30.94 1.54 3.10
N GLU A 280 31.16 2.66 2.39
CA GLU A 280 30.57 3.93 2.80
C GLU A 280 29.05 3.89 2.67
N ALA A 281 28.55 3.34 1.57
CA ALA A 281 27.11 3.17 1.41
C ALA A 281 26.58 2.18 2.43
N ALA A 282 27.33 1.10 2.69
CA ALA A 282 26.88 0.12 3.67
C ALA A 282 26.71 0.75 5.04
N ALA A 283 27.66 1.58 5.46
CA ALA A 283 27.55 2.28 6.74
C ALA A 283 26.31 3.17 6.76
N ALA A 284 26.02 3.85 5.65
CA ALA A 284 24.86 4.73 5.60
C ALA A 284 23.56 3.94 5.68
N LEU A 285 23.46 2.83 4.92
CA LEU A 285 22.29 1.97 5.04
C LEU A 285 22.16 1.36 6.42
N GLY A 286 23.28 0.90 7.00
CA GLY A 286 23.23 0.34 8.34
C GLY A 286 22.72 1.33 9.37
N THR A 287 23.17 2.59 9.26
CA THR A 287 22.70 3.64 10.16
C THR A 287 21.20 3.90 9.97
N LEU A 288 20.76 3.95 8.71
CA LEU A 288 19.36 4.21 8.43
C LEU A 288 18.47 3.10 8.98
N ARG A 289 18.90 1.84 8.84
CA ARG A 289 18.15 0.73 9.40
C ARG A 289 17.92 0.93 10.89
N LYS A 290 18.97 1.28 11.62
CA LYS A 290 18.86 1.41 13.06
C LYS A 290 17.95 2.58 13.43
N LEU A 291 18.03 3.67 12.67
CA LEU A 291 17.22 4.85 12.97
C LEU A 291 15.74 4.62 12.66
N ILE A 292 15.43 3.88 11.59
CA ILE A 292 14.03 3.60 11.29
C ILE A 292 13.47 2.60 12.30
N ASP A 293 14.26 1.58 12.65
CA ASP A 293 13.83 0.65 13.70
C ASP A 293 13.43 1.39 14.96
N ALA A 294 14.22 2.42 15.34
CA ALA A 294 14.01 3.12 16.59
C ALA A 294 12.88 4.13 16.53
N SER A 295 12.39 4.49 15.36
CA SER A 295 11.32 5.49 15.21
C SER A 295 10.02 4.91 14.67
N LEU A 296 9.96 3.60 14.46
CA LEU A 296 8.74 2.96 13.99
C LEU A 296 7.60 3.17 14.98
N TYR A 297 6.43 3.55 14.48
CA TYR A 297 5.25 3.70 15.32
C TYR A 297 4.08 2.91 14.74
N GLU A 298 3.01 2.81 15.52
CA GLU A 298 1.91 1.91 15.23
C GLU A 298 0.62 2.66 14.89
N LEU A 299 -0.06 2.18 13.86
CA LEU A 299 -1.38 2.65 13.46
C LEU A 299 -2.29 1.44 13.40
N VAL A 300 -3.35 1.43 14.22
CA VAL A 300 -4.29 0.32 14.24
C VAL A 300 -5.48 0.69 13.37
N LEU A 301 -5.69 -0.09 12.31
CA LEU A 301 -6.87 0.08 11.45
C LEU A 301 -7.96 -0.84 11.98
N ASP A 302 -8.89 -0.26 12.73
CA ASP A 302 -10.06 -1.00 13.16
C ASP A 302 -10.97 -1.25 11.96
N GLN A 303 -11.91 -2.17 12.14
CA GLN A 303 -12.87 -2.50 11.11
C GLN A 303 -13.53 -1.24 10.55
N GLY A 304 -13.47 -1.09 9.23
CA GLY A 304 -14.05 0.04 8.54
C GLY A 304 -13.13 1.22 8.37
N ASP A 305 -11.91 1.17 8.91
CA ASP A 305 -10.95 2.25 8.75
C ASP A 305 -10.23 2.10 7.43
N VAL A 306 -9.95 3.23 6.78
CA VAL A 306 -9.19 3.26 5.54
C VAL A 306 -7.97 4.14 5.76
N ALA A 307 -6.82 3.68 5.26
CA ALA A 307 -5.60 4.46 5.31
C ALA A 307 -5.01 4.55 3.91
N PHE A 308 -4.58 5.75 3.55
CA PHE A 308 -3.79 5.96 2.34
C PHE A 308 -2.40 6.38 2.80
N ILE A 309 -1.46 5.46 2.67
CA ILE A 309 -0.09 5.71 3.11
C ILE A 309 0.68 6.40 1.99
N ASP A 310 1.39 7.45 2.35
CA ASP A 310 2.24 8.18 1.40
C ASP A 310 3.51 7.37 1.18
N ASN A 311 3.60 6.69 0.03
CA ASN A 311 4.68 5.76 -0.29
C ASN A 311 5.98 6.45 -0.63
N ARG A 312 6.01 7.79 -0.63
N ARG A 312 6.01 7.78 -0.62
CA ARG A 312 7.26 8.52 -0.81
CA ARG A 312 7.25 8.52 -0.82
C ARG A 312 7.80 9.09 0.49
C ARG A 312 7.79 9.13 0.47
N ARG A 313 6.95 9.33 1.48
CA ARG A 313 7.36 9.89 2.75
C ARG A 313 7.60 8.86 3.84
N ALA A 314 6.97 7.69 3.74
CA ALA A 314 6.95 6.75 4.83
C ALA A 314 7.18 5.34 4.31
N VAL A 315 7.79 4.51 5.15
CA VAL A 315 7.78 3.08 4.96
C VAL A 315 6.71 2.51 5.87
N HIS A 316 6.23 1.31 5.56
CA HIS A 316 5.20 0.67 6.37
C HIS A 316 5.48 -0.83 6.50
N GLY A 317 4.86 -1.42 7.51
CA GLY A 317 4.94 -2.84 7.74
C GLY A 317 3.75 -3.28 8.56
N ARG A 318 3.89 -4.42 9.23
CA ARG A 318 2.81 -4.95 10.03
C ARG A 318 3.38 -5.83 11.15
N ARG A 319 2.84 -5.65 12.35
CA ARG A 319 3.34 -6.41 13.50
C ARG A 319 3.03 -7.89 13.35
N ALA A 320 3.86 -8.71 14.01
CA ALA A 320 3.58 -10.13 14.10
C ALA A 320 2.28 -10.36 14.85
N PHE A 321 1.53 -11.39 14.44
CA PHE A 321 0.34 -11.77 15.18
C PHE A 321 0.09 -13.25 14.99
N GLN A 322 -0.76 -13.79 15.85
N GLN A 322 -0.76 -13.80 15.85
CA GLN A 322 -1.12 -15.19 15.78
CA GLN A 322 -1.11 -15.20 15.77
C GLN A 322 -2.39 -15.34 14.94
C GLN A 322 -2.38 -15.35 14.95
N PRO A 323 -2.36 -16.05 13.82
CA PRO A 323 -3.59 -16.20 13.03
C PRO A 323 -4.55 -17.15 13.73
N ARG A 324 -5.84 -16.94 13.44
CA ARG A 324 -6.90 -17.77 14.03
C ARG A 324 -7.26 -18.94 13.13
N TYR A 325 -7.45 -18.66 11.84
CA TYR A 325 -7.89 -19.64 10.84
C TYR A 325 -9.27 -20.21 11.17
N ASP A 326 -10.09 -19.42 11.86
CA ASP A 326 -11.43 -19.82 12.28
C ASP A 326 -12.53 -19.06 11.55
N GLY A 327 -12.18 -18.31 10.49
CA GLY A 327 -13.14 -17.52 9.75
C GLY A 327 -13.23 -16.06 10.12
N ARG A 328 -12.51 -15.61 11.16
CA ARG A 328 -12.56 -14.23 11.61
C ARG A 328 -11.19 -13.56 11.60
N ASP A 329 -10.27 -14.02 10.76
CA ASP A 329 -8.95 -13.42 10.70
C ASP A 329 -8.99 -12.01 10.13
N ARG A 330 -8.01 -11.22 10.55
CA ARG A 330 -7.73 -9.91 9.95
C ARG A 330 -7.75 -9.99 8.43
N TRP A 331 -8.39 -9.00 7.82
CA TRP A 331 -8.63 -8.99 6.38
C TRP A 331 -8.67 -7.55 5.91
N LEU A 332 -7.80 -7.20 4.96
CA LEU A 332 -7.80 -5.88 4.34
C LEU A 332 -7.92 -6.01 2.83
N LYS A 333 -8.55 -5.01 2.21
CA LYS A 333 -8.44 -4.80 0.77
C LYS A 333 -7.39 -3.72 0.52
N ARG A 334 -6.65 -3.85 -0.57
CA ARG A 334 -5.51 -2.98 -0.82
C ARG A 334 -5.53 -2.52 -2.27
N ILE A 335 -5.01 -1.32 -2.50
CA ILE A 335 -4.98 -0.77 -3.86
C ILE A 335 -3.78 0.15 -3.97
N ASN A 336 -3.14 0.12 -5.15
CA ASN A 336 -2.03 1.00 -5.49
C ASN A 336 -2.54 2.19 -6.31
N ILE A 337 -2.03 3.38 -6.00
CA ILE A 337 -2.46 4.64 -6.59
C ILE A 337 -1.24 5.42 -7.06
N THR A 338 -1.28 5.89 -8.31
CA THR A 338 -0.28 6.82 -8.80
C THR A 338 -0.93 8.14 -9.18
N ARG A 339 -0.17 9.23 -9.04
CA ARG A 339 -0.68 10.52 -9.48
C ARG A 339 -0.72 10.67 -11.00
N ASP A 340 0.00 9.81 -11.75
CA ASP A 340 0.02 9.97 -13.20
C ASP A 340 0.36 8.63 -13.83
N LEU A 341 -0.66 7.99 -14.41
CA LEU A 341 -0.48 6.69 -15.04
C LEU A 341 0.49 6.75 -16.23
N HIS A 342 0.60 7.92 -16.88
CA HIS A 342 1.43 8.01 -18.07
C HIS A 342 2.92 7.95 -17.77
N ARG A 343 3.32 8.19 -16.52
CA ARG A 343 4.73 8.05 -16.15
C ARG A 343 5.22 6.62 -16.27
N SER A 344 4.32 5.63 -16.31
CA SER A 344 4.68 4.21 -16.35
C SER A 344 4.37 3.58 -17.71
N ARG A 345 4.24 4.41 -18.75
CA ARG A 345 3.86 3.93 -20.08
C ARG A 345 4.74 2.76 -20.53
N LYS A 346 6.04 2.82 -20.28
CA LYS A 346 6.94 1.78 -20.76
C LYS A 346 6.56 0.41 -20.18
N ALA A 347 5.92 0.40 -19.02
CA ALA A 347 5.59 -0.83 -18.30
C ALA A 347 4.13 -1.23 -18.43
N TRP A 348 3.33 -0.49 -19.22
CA TRP A 348 1.96 -0.93 -19.47
C TRP A 348 1.99 -2.32 -20.09
N ALA A 349 1.38 -3.29 -19.39
CA ALA A 349 1.42 -4.69 -19.82
C ALA A 349 0.19 -4.98 -20.69
N GLY A 350 0.19 -4.39 -21.88
CA GLY A 350 -0.92 -4.53 -22.79
C GLY A 350 -2.19 -3.93 -22.20
N ASP A 351 -2.03 -3.15 -21.13
CA ASP A 351 -3.15 -2.55 -20.43
C ASP A 351 -2.58 -1.44 -19.55
N SER A 352 -3.16 -0.24 -19.64
CA SER A 352 -2.63 0.87 -18.85
C SER A 352 -2.73 0.60 -17.36
N ARG A 353 -3.67 -0.25 -16.92
CA ARG A 353 -3.95 -0.44 -15.51
C ARG A 353 -3.24 -1.66 -14.92
N VAL A 354 -2.46 -2.38 -15.72
CA VAL A 354 -1.66 -3.51 -15.23
C VAL A 354 -0.25 -3.34 -15.76
N LEU A 355 0.72 -3.25 -14.84
CA LEU A 355 2.11 -2.96 -15.16
C LEU A 355 2.97 -4.21 -15.15
N GLY A 356 3.98 -4.21 -16.01
CA GLY A 356 4.95 -5.29 -16.07
C GLY A 356 5.63 -5.34 -17.43
#